data_8FZV
#
_entry.id   8FZV
#
_cell.length_a   162.557
_cell.length_b   162.557
_cell.length_c   56.877
_cell.angle_alpha   90.000
_cell.angle_beta   90.000
_cell.angle_gamma   120.000
#
_symmetry.space_group_name_H-M   'P 65'
#
loop_
_entity.id
_entity.type
_entity.pdbx_description
1 polymer 'Transcription factor ETV6,Anthrax toxin receptor 2'
2 non-polymer 'MAGNESIUM ION'
3 non-polymer 'UNKNOWN ATOM OR ION'
4 water water
#
_entity_poly.entity_id   1
_entity_poly.type   'polypeptide(L)'
_entity_poly.pdbx_seq_one_letter_code
;GSIALPAHLRLQPIYWSRDDVAQWLKWAENEFSLRPIDSNTFEMNGKALLLLTKEDFRYRSPHSGDELYELLQHILAQAR
AAFDLYFVLDKSGSVANNWIEIYNFVQQLAERFVSPEMRLSFIVFSSQATIILPLTGDRGKISKGLEDLKRVSPVGETYI
HEGLKLANEQIQKAGGLKTSSIIIALTDGKLDGLVPSYAEKEAKISRSLGASVYAVGVLDFEQAQLERIADSKEQVFPVK
GGFQALKGIINSILAQS
;
_entity_poly.pdbx_strand_id   A,B,C
#
loop_
_chem_comp.id
_chem_comp.type
_chem_comp.name
_chem_comp.formula
MG non-polymer 'MAGNESIUM ION' 'Mg 2'
UNX non-polymer 'UNKNOWN ATOM OR ION' ?
#
# COMPACT_ATOMS: atom_id res chain seq x y z
N GLY A 1 -11.73 14.04 15.43
CA GLY A 1 -10.61 13.16 15.15
C GLY A 1 -10.88 12.16 14.05
N SER A 2 -11.77 11.22 14.31
CA SER A 2 -12.13 10.19 13.35
C SER A 2 -13.64 10.01 13.36
N ILE A 3 -14.28 10.30 12.23
CA ILE A 3 -15.73 10.15 12.07
C ILE A 3 -15.98 9.17 10.93
N ALA A 4 -16.83 8.18 11.18
CA ALA A 4 -17.15 7.18 10.17
C ALA A 4 -18.20 7.71 9.20
N LEU A 5 -17.98 8.90 8.66
CA LEU A 5 -18.94 9.53 7.76
C LEU A 5 -19.02 8.74 6.46
N PRO A 6 -20.18 8.19 6.11
CA PRO A 6 -20.27 7.34 4.91
C PRO A 6 -20.38 8.16 3.62
N ALA A 7 -20.76 7.49 2.53
CA ALA A 7 -20.95 8.15 1.26
C ALA A 7 -22.22 9.01 1.30
N HIS A 8 -22.38 9.83 0.25
CA HIS A 8 -23.52 10.74 0.09
C HIS A 8 -23.52 11.82 1.17
N LEU A 9 -22.62 11.71 2.15
CA LEU A 9 -22.48 12.70 3.20
C LEU A 9 -21.05 13.21 3.34
N ARG A 10 -20.12 12.75 2.49
CA ARG A 10 -18.73 13.17 2.60
C ARG A 10 -18.56 14.65 2.30
N LEU A 11 -19.46 15.22 1.50
CA LEU A 11 -19.36 16.63 1.15
C LEU A 11 -19.59 17.51 2.38
N GLN A 12 -19.29 18.79 2.21
CA GLN A 12 -19.52 19.75 3.29
C GLN A 12 -21.01 19.87 3.58
N PRO A 13 -21.40 19.94 4.85
CA PRO A 13 -22.83 20.00 5.19
C PRO A 13 -23.58 21.16 4.55
N ILE A 14 -22.88 22.21 4.12
CA ILE A 14 -23.55 23.32 3.45
C ILE A 14 -24.09 22.90 2.08
N TYR A 15 -23.51 21.87 1.47
CA TYR A 15 -23.96 21.37 0.18
C TYR A 15 -24.96 20.22 0.31
N TRP A 16 -25.48 19.97 1.50
CA TRP A 16 -26.41 18.88 1.70
C TRP A 16 -27.84 19.30 1.32
N SER A 17 -28.67 18.29 1.08
CA SER A 17 -30.09 18.47 0.78
C SER A 17 -30.92 17.96 1.95
N ARG A 18 -32.24 18.00 1.77
CA ARG A 18 -33.14 17.52 2.82
C ARG A 18 -33.01 16.02 3.02
N ASP A 19 -32.87 15.27 1.93
CA ASP A 19 -32.69 13.82 2.04
C ASP A 19 -31.35 13.46 2.67
N ASP A 20 -30.34 14.31 2.49
CA ASP A 20 -29.04 14.05 3.10
C ASP A 20 -29.10 14.24 4.60
N VAL A 21 -29.86 15.24 5.07
CA VAL A 21 -30.02 15.44 6.51
C VAL A 21 -30.73 14.25 7.14
N ALA A 22 -31.74 13.71 6.44
CA ALA A 22 -32.40 12.50 6.94
C ALA A 22 -31.46 11.31 6.92
N GLN A 23 -30.65 11.18 5.86
CA GLN A 23 -29.67 10.11 5.82
C GLN A 23 -28.60 10.28 6.89
N TRP A 24 -28.33 11.51 7.29
CA TRP A 24 -27.38 11.75 8.38
C TRP A 24 -27.98 11.35 9.73
N LEU A 25 -29.28 11.56 9.91
CA LEU A 25 -29.94 11.15 11.14
C LEU A 25 -30.03 9.63 11.23
N LYS A 26 -30.25 8.97 10.10
CA LYS A 26 -30.32 7.51 10.10
C LYS A 26 -28.94 6.90 10.36
N TRP A 27 -27.89 7.52 9.83
CA TRP A 27 -26.54 7.02 10.08
C TRP A 27 -26.12 7.23 11.53
N ALA A 28 -26.41 8.42 12.08
CA ALA A 28 -26.02 8.71 13.45
C ALA A 28 -26.81 7.91 14.48
N GLU A 29 -28.00 7.44 14.12
CA GLU A 29 -28.80 6.68 15.07
C GLU A 29 -28.19 5.30 15.33
N ASN A 30 -27.67 4.66 14.29
CA ASN A 30 -27.05 3.35 14.44
C ASN A 30 -25.58 3.42 14.77
N GLU A 31 -24.90 4.51 14.39
CA GLU A 31 -23.48 4.65 14.70
C GLU A 31 -23.26 4.91 16.18
N PHE A 32 -24.14 5.67 16.80
CA PHE A 32 -24.03 6.03 18.21
C PHE A 32 -25.11 5.40 19.08
N SER A 33 -25.85 4.44 18.54
CA SER A 33 -26.89 3.72 19.28
C SER A 33 -27.87 4.67 19.96
N LEU A 34 -28.22 5.75 19.25
CA LEU A 34 -29.14 6.73 19.78
C LEU A 34 -30.57 6.17 19.80
N ARG A 35 -31.45 6.89 20.48
CA ARG A 35 -32.86 6.53 20.50
C ARG A 35 -33.46 6.70 19.10
N PRO A 36 -34.57 6.00 18.83
CA PRO A 36 -35.23 6.17 17.52
C PRO A 36 -35.53 7.62 17.17
N ILE A 37 -34.80 8.17 16.21
CA ILE A 37 -34.94 9.55 15.80
C ILE A 37 -35.97 9.63 14.68
N ASP A 38 -36.94 10.54 14.82
CA ASP A 38 -37.95 10.72 13.80
C ASP A 38 -37.35 11.42 12.58
N SER A 39 -37.78 10.98 11.40
CA SER A 39 -37.26 11.57 10.16
C SER A 39 -37.75 13.00 9.98
N ASN A 40 -38.93 13.33 10.50
CA ASN A 40 -39.50 14.66 10.39
C ASN A 40 -38.98 15.62 11.45
N THR A 41 -37.88 15.29 12.11
CA THR A 41 -37.34 16.17 13.15
C THR A 41 -36.67 17.39 12.55
N PHE A 42 -35.84 17.18 11.52
CA PHE A 42 -35.11 18.25 10.84
C PHE A 42 -35.51 18.24 9.37
N GLU A 43 -36.71 18.75 9.08
CA GLU A 43 -37.20 18.85 7.69
C GLU A 43 -36.63 20.12 7.07
N MET A 44 -35.35 20.06 6.73
CA MET A 44 -34.66 21.20 6.15
C MET A 44 -33.42 20.70 5.43
N ASN A 45 -32.78 21.60 4.69
CA ASN A 45 -31.57 21.27 3.95
C ASN A 45 -30.35 21.41 4.85
N GLY A 46 -29.16 21.29 4.28
CA GLY A 46 -27.95 21.43 5.07
C GLY A 46 -27.66 22.85 5.49
N LYS A 47 -28.06 23.83 4.67
CA LYS A 47 -27.80 25.22 5.00
C LYS A 47 -28.64 25.68 6.19
N ALA A 48 -29.88 25.20 6.27
CA ALA A 48 -30.74 25.57 7.40
C ALA A 48 -30.34 24.86 8.68
N LEU A 49 -29.71 23.68 8.57
CA LEU A 49 -29.27 22.97 9.77
C LEU A 49 -28.11 23.68 10.44
N LEU A 50 -27.28 24.38 9.68
CA LEU A 50 -26.15 25.11 10.23
C LEU A 50 -26.55 26.41 10.92
N LEU A 51 -27.77 26.88 10.71
CA LEU A 51 -28.22 28.12 11.34
C LEU A 51 -28.87 27.90 12.69
N LEU A 52 -29.32 26.69 12.99
CA LEU A 52 -29.96 26.42 14.27
C LEU A 52 -28.95 26.43 15.41
N THR A 53 -29.42 26.84 16.58
CA THR A 53 -28.60 26.85 17.78
C THR A 53 -28.68 25.49 18.47
N LYS A 54 -27.82 25.30 19.47
CA LYS A 54 -27.81 24.03 20.20
C LYS A 54 -29.09 23.84 21.01
N GLU A 55 -29.73 24.94 21.42
CA GLU A 55 -31.01 24.83 22.10
C GLU A 55 -32.11 24.36 21.17
N ASP A 56 -31.97 24.61 19.87
CA ASP A 56 -32.95 24.12 18.91
C ASP A 56 -32.83 22.61 18.72
N PHE A 57 -31.60 22.08 18.73
CA PHE A 57 -31.40 20.64 18.65
C PHE A 57 -31.99 19.94 19.88
N ARG A 58 -31.89 20.58 21.05
CA ARG A 58 -32.50 20.01 22.25
C ARG A 58 -34.03 20.06 22.18
N TYR A 59 -34.58 21.09 21.55
CA TYR A 59 -36.04 21.19 21.44
C TYR A 59 -36.58 20.18 20.45
N ARG A 60 -35.98 20.10 19.26
CA ARG A 60 -36.45 19.15 18.26
C ARG A 60 -36.11 17.71 18.65
N SER A 61 -34.96 17.51 19.29
CA SER A 61 -34.52 16.18 19.73
C SER A 61 -34.21 16.23 21.21
N PRO A 62 -35.21 15.96 22.07
CA PRO A 62 -34.94 15.98 23.52
C PRO A 62 -34.00 14.89 23.98
N HIS A 63 -34.11 13.69 23.41
CA HIS A 63 -33.24 12.59 23.82
C HIS A 63 -31.82 12.80 23.33
N SER A 64 -31.65 13.24 22.09
CA SER A 64 -30.34 13.54 21.55
C SER A 64 -30.20 15.04 21.34
N GLY A 65 -30.01 15.47 20.09
CA GLY A 65 -29.90 16.87 19.76
C GLY A 65 -28.56 17.46 20.13
N ASP A 66 -28.22 17.43 21.43
CA ASP A 66 -26.90 17.89 21.84
C ASP A 66 -25.81 17.04 21.21
N GLU A 67 -26.06 15.73 21.07
CA GLU A 67 -25.13 14.88 20.35
C GLU A 67 -25.14 15.18 18.86
N LEU A 68 -26.32 15.39 18.28
CA LEU A 68 -26.41 15.73 16.87
C LEU A 68 -25.76 17.08 16.59
N TYR A 69 -25.83 18.01 17.53
CA TYR A 69 -25.21 19.32 17.34
C TYR A 69 -23.69 19.21 17.36
N GLU A 70 -23.15 18.58 18.40
CA GLU A 70 -21.70 18.46 18.51
C GLU A 70 -21.11 17.58 17.42
N LEU A 71 -21.84 16.55 16.98
CA LEU A 71 -21.38 15.75 15.86
C LEU A 71 -21.29 16.59 14.59
N LEU A 72 -22.25 17.49 14.39
CA LEU A 72 -22.19 18.39 13.23
C LEU A 72 -20.98 19.30 13.30
N GLN A 73 -20.61 19.73 14.51
CA GLN A 73 -19.42 20.58 14.66
C GLN A 73 -18.15 19.81 14.33
N HIS A 74 -18.09 18.52 14.67
CA HIS A 74 -16.91 17.72 14.33
C HIS A 74 -16.87 17.40 12.84
N ILE A 75 -18.03 17.19 12.22
CA ILE A 75 -18.09 16.93 10.79
C ILE A 75 -17.62 18.16 10.01
N LEU A 76 -17.95 19.36 10.50
CA LEU A 76 -17.45 20.57 9.85
C LEU A 76 -15.94 20.63 9.90
N ALA A 77 -15.33 20.14 10.99
CA ALA A 77 -13.88 20.09 11.07
C ALA A 77 -13.31 19.00 10.16
N GLN A 78 -14.03 17.89 10.01
CA GLN A 78 -13.58 16.83 9.11
C GLN A 78 -13.60 17.31 7.66
N ALA A 79 -14.59 18.12 7.30
CA ALA A 79 -14.67 18.62 5.93
C ALA A 79 -13.55 19.58 5.61
N ARG A 80 -13.06 20.32 6.61
CA ARG A 80 -11.94 21.23 6.37
C ARG A 80 -10.67 20.46 6.03
N ALA A 81 -10.46 19.31 6.68
CA ALA A 81 -9.31 18.46 6.39
C ALA A 81 -9.61 17.43 5.31
N ALA A 82 -10.84 17.38 4.80
CA ALA A 82 -11.18 16.42 3.76
C ALA A 82 -10.52 16.80 2.44
N PHE A 83 -10.00 15.80 1.73
CA PHE A 83 -9.33 16.03 0.46
C PHE A 83 -9.33 14.74 -0.34
N ASP A 84 -9.62 14.86 -1.63
CA ASP A 84 -9.61 13.73 -2.56
C ASP A 84 -8.36 13.82 -3.43
N LEU A 85 -7.53 12.78 -3.39
CA LEU A 85 -6.29 12.74 -4.15
C LEU A 85 -6.41 11.72 -5.28
N TYR A 86 -5.90 12.10 -6.45
CA TYR A 86 -5.91 11.24 -7.63
C TYR A 86 -4.50 11.13 -8.17
N PHE A 87 -3.95 9.92 -8.15
CA PHE A 87 -2.59 9.66 -8.60
C PHE A 87 -2.64 9.11 -10.02
N VAL A 88 -2.28 9.95 -10.98
CA VAL A 88 -2.22 9.55 -12.39
C VAL A 88 -0.81 9.08 -12.68
N LEU A 89 -0.64 7.78 -12.86
CA LEU A 89 0.67 7.17 -13.01
C LEU A 89 0.90 6.77 -14.45
N ASP A 90 2.04 7.16 -15.00
CA ASP A 90 2.40 6.86 -16.38
C ASP A 90 3.10 5.50 -16.42
N LYS A 91 2.39 4.49 -16.93
CA LYS A 91 2.94 3.14 -17.07
C LYS A 91 3.34 2.84 -18.51
N SER A 92 3.66 3.86 -19.29
CA SER A 92 4.03 3.68 -20.68
C SER A 92 5.45 3.12 -20.79
N GLY A 93 5.87 2.84 -22.02
CA GLY A 93 7.24 2.40 -22.25
C GLY A 93 8.27 3.49 -22.08
N SER A 94 7.85 4.75 -21.99
CA SER A 94 8.80 5.86 -21.85
C SER A 94 9.43 5.87 -20.46
N VAL A 95 8.69 5.45 -19.43
CA VAL A 95 9.25 5.46 -18.08
C VAL A 95 10.19 4.28 -17.88
N ALA A 96 9.89 3.13 -18.50
CA ALA A 96 10.75 1.94 -18.44
C ALA A 96 11.12 1.56 -17.02
N ASN A 97 12.41 1.59 -16.69
CA ASN A 97 12.85 1.17 -15.37
C ASN A 97 12.58 2.22 -14.30
N ASN A 98 12.26 3.45 -14.70
CA ASN A 98 11.98 4.51 -13.73
C ASN A 98 10.63 4.34 -13.04
N TRP A 99 9.91 3.25 -13.27
CA TRP A 99 8.64 3.03 -12.60
C TRP A 99 8.80 2.86 -11.10
N ILE A 100 9.98 2.43 -10.64
CA ILE A 100 10.23 2.31 -9.20
C ILE A 100 10.14 3.67 -8.52
N GLU A 101 10.54 4.74 -9.22
CA GLU A 101 10.44 6.06 -8.65
C GLU A 101 8.98 6.53 -8.58
N ILE A 102 8.15 6.09 -9.51
CA ILE A 102 6.73 6.41 -9.46
C ILE A 102 6.06 5.69 -8.28
N TYR A 103 6.42 4.43 -8.07
CA TYR A 103 5.84 3.68 -6.96
C TYR A 103 6.29 4.24 -5.61
N ASN A 104 7.58 4.59 -5.50
CA ASN A 104 8.08 5.13 -4.24
C ASN A 104 7.51 6.51 -3.94
N PHE A 105 7.26 7.32 -4.96
CA PHE A 105 6.68 8.63 -4.74
C PHE A 105 5.24 8.52 -4.24
N VAL A 106 4.47 7.57 -4.78
CA VAL A 106 3.10 7.39 -4.33
C VAL A 106 3.08 6.72 -2.96
N GLN A 107 3.97 5.77 -2.73
CA GLN A 107 4.01 5.07 -1.45
C GLN A 107 4.38 6.01 -0.32
N GLN A 108 5.45 6.78 -0.50
CA GLN A 108 5.88 7.73 0.53
C GLN A 108 4.85 8.83 0.74
N LEU A 109 4.15 9.24 -0.32
CA LEU A 109 3.14 10.28 -0.17
C LEU A 109 1.87 9.74 0.49
N ALA A 110 1.56 8.46 0.28
CA ALA A 110 0.41 7.84 0.92
C ALA A 110 0.61 7.59 2.40
N GLU A 111 1.86 7.49 2.86
CA GLU A 111 2.16 7.29 4.27
C GLU A 111 2.02 8.56 5.09
N ARG A 112 1.85 9.71 4.45
CA ARG A 112 1.71 11.00 5.14
C ARG A 112 0.25 11.37 5.37
N PHE A 113 -0.58 11.30 4.34
CA PHE A 113 -2.00 11.64 4.44
C PHE A 113 -2.74 10.45 5.05
N VAL A 114 -2.65 10.35 6.38
CA VAL A 114 -3.28 9.28 7.12
C VAL A 114 -4.60 9.72 7.76
N SER A 115 -5.12 10.87 7.37
CA SER A 115 -6.39 11.33 7.92
C SER A 115 -7.54 10.46 7.40
N PRO A 116 -8.57 10.24 8.23
CA PRO A 116 -9.70 9.41 7.78
C PRO A 116 -10.47 10.02 6.63
N GLU A 117 -10.51 11.35 6.52
CA GLU A 117 -11.21 12.01 5.42
C GLU A 117 -10.38 12.06 4.15
N MET A 118 -9.10 11.72 4.21
CA MET A 118 -8.24 11.72 3.02
C MET A 118 -8.49 10.45 2.23
N ARG A 119 -9.02 10.60 1.02
CA ARG A 119 -9.32 9.48 0.14
C ARG A 119 -8.36 9.49 -1.05
N LEU A 120 -7.89 8.31 -1.42
CA LEU A 120 -6.92 8.15 -2.50
C LEU A 120 -7.54 7.36 -3.64
N SER A 121 -6.94 7.53 -4.83
CA SER A 121 -7.39 6.81 -6.03
C SER A 121 -6.20 6.65 -6.96
N PHE A 122 -5.97 5.42 -7.41
CA PHE A 122 -4.85 5.10 -8.29
C PHE A 122 -5.36 4.84 -9.70
N ILE A 123 -4.85 5.61 -10.66
CA ILE A 123 -5.24 5.48 -12.06
C ILE A 123 -3.97 5.44 -12.89
N VAL A 124 -3.66 4.26 -13.43
CA VAL A 124 -2.50 4.09 -14.31
C VAL A 124 -2.97 4.15 -15.75
N PHE A 125 -2.10 4.68 -16.63
CA PHE A 125 -2.44 4.81 -18.04
C PHE A 125 -1.24 4.43 -18.89
N SER A 126 -1.48 3.73 -19.99
CA SER A 126 -0.41 3.30 -20.86
C SER A 126 -1.07 2.61 -22.00
N SER A 127 -1.47 3.36 -23.02
CA SER A 127 -2.20 2.78 -24.14
C SER A 127 -3.53 2.25 -23.65
N GLN A 128 -3.81 2.45 -22.37
CA GLN A 128 -5.06 2.01 -21.81
C GLN A 128 -5.12 2.55 -20.41
N ALA A 129 -6.29 2.97 -19.99
CA ALA A 129 -6.44 3.52 -18.66
C ALA A 129 -7.24 2.59 -17.80
N THR A 130 -6.71 2.28 -16.64
CA THR A 130 -7.40 1.38 -15.72
C THR A 130 -7.28 1.94 -14.31
N ILE A 131 -8.41 2.13 -13.64
CA ILE A 131 -8.44 2.60 -12.27
C ILE A 131 -8.11 1.40 -11.38
N ILE A 132 -6.88 1.36 -10.86
CA ILE A 132 -6.48 0.25 -9.99
C ILE A 132 -7.21 0.34 -8.65
N LEU A 133 -7.21 1.52 -8.05
CA LEU A 133 -7.86 1.73 -6.76
C LEU A 133 -8.93 2.81 -6.88
N PRO A 134 -10.20 2.47 -6.71
CA PRO A 134 -11.24 3.50 -6.68
C PRO A 134 -11.07 4.42 -5.48
N LEU A 135 -11.74 5.57 -5.56
CA LEU A 135 -11.64 6.57 -4.49
C LEU A 135 -12.23 6.03 -3.20
N THR A 136 -11.37 5.74 -2.23
CA THR A 136 -11.82 5.20 -0.94
C THR A 136 -10.90 5.71 0.16
N GLY A 137 -11.38 5.60 1.39
CA GLY A 137 -10.61 6.02 2.54
C GLY A 137 -10.12 4.86 3.39
N ASP A 138 -10.51 3.65 3.02
CA ASP A 138 -10.08 2.46 3.75
C ASP A 138 -8.60 2.22 3.52
N ARG A 139 -7.81 2.23 4.60
CA ARG A 139 -6.37 2.01 4.48
C ARG A 139 -6.06 0.61 3.98
N GLY A 140 -6.92 -0.36 4.29
CA GLY A 140 -6.71 -1.72 3.78
C GLY A 140 -6.85 -1.80 2.28
N LYS A 141 -7.85 -1.11 1.72
CA LYS A 141 -8.01 -1.08 0.27
C LYS A 141 -6.89 -0.28 -0.39
N ILE A 142 -6.37 0.74 0.30
CA ILE A 142 -5.26 1.50 -0.25
C ILE A 142 -3.98 0.67 -0.23
N SER A 143 -3.76 -0.07 0.85
CA SER A 143 -2.61 -0.99 0.90
C SER A 143 -2.73 -2.08 -0.15
N LYS A 144 -3.96 -2.51 -0.46
CA LYS A 144 -4.16 -3.43 -1.57
C LYS A 144 -3.84 -2.78 -2.90
N GLY A 145 -4.21 -1.50 -3.06
CA GLY A 145 -3.90 -0.79 -4.29
C GLY A 145 -2.42 -0.52 -4.46
N LEU A 146 -1.70 -0.29 -3.37
CA LEU A 146 -0.26 -0.08 -3.45
C LEU A 146 0.46 -1.32 -3.97
N GLU A 147 0.06 -2.49 -3.47
CA GLU A 147 0.65 -3.74 -3.96
C GLU A 147 0.35 -3.95 -5.44
N ASP A 148 -0.81 -3.52 -5.90
CA ASP A 148 -1.15 -3.65 -7.32
C ASP A 148 -0.39 -2.66 -8.18
N LEU A 149 0.06 -1.53 -7.61
CA LEU A 149 0.88 -0.60 -8.38
C LEU A 149 2.23 -1.22 -8.72
N LYS A 150 2.78 -2.03 -7.81
CA LYS A 150 4.01 -2.75 -8.10
C LYS A 150 3.80 -3.87 -9.11
N ARG A 151 2.58 -4.37 -9.24
CA ARG A 151 2.23 -5.39 -10.22
C ARG A 151 2.11 -4.85 -11.63
N VAL A 152 2.34 -3.55 -11.83
CA VAL A 152 2.17 -2.94 -13.15
C VAL A 152 3.44 -3.13 -13.96
N SER A 153 3.27 -3.55 -15.22
CA SER A 153 4.39 -3.70 -16.13
C SER A 153 4.41 -2.53 -17.10
N PRO A 154 5.48 -1.75 -17.16
CA PRO A 154 5.50 -0.58 -18.06
C PRO A 154 5.46 -0.96 -19.53
N VAL A 155 4.26 -1.07 -20.09
CA VAL A 155 4.07 -1.40 -21.51
C VAL A 155 2.99 -0.50 -22.08
N GLY A 156 3.29 0.15 -23.20
CA GLY A 156 2.34 1.00 -23.89
C GLY A 156 2.91 2.37 -24.17
N GLU A 157 2.10 3.19 -24.83
CA GLU A 157 2.46 4.56 -25.15
C GLU A 157 1.87 5.52 -24.12
N THR A 158 2.24 6.79 -24.25
CA THR A 158 1.82 7.81 -23.30
C THR A 158 0.54 8.48 -23.79
N TYR A 159 -0.53 8.38 -22.98
CA TYR A 159 -1.83 8.99 -23.30
C TYR A 159 -2.42 9.51 -21.99
N ILE A 160 -1.99 10.71 -21.60
CA ILE A 160 -2.41 11.27 -20.33
C ILE A 160 -3.89 11.65 -20.35
N HIS A 161 -4.43 11.95 -21.54
CA HIS A 161 -5.81 12.40 -21.63
C HIS A 161 -6.78 11.32 -21.16
N GLU A 162 -6.48 10.05 -21.43
CA GLU A 162 -7.36 8.98 -20.97
C GLU A 162 -7.24 8.76 -19.46
N GLY A 163 -6.06 9.01 -18.89
CA GLY A 163 -5.91 8.86 -17.45
C GLY A 163 -6.58 9.99 -16.69
N LEU A 164 -6.42 11.23 -17.16
CA LEU A 164 -7.08 12.36 -16.52
C LEU A 164 -8.59 12.30 -16.67
N LYS A 165 -9.10 11.61 -17.70
CA LYS A 165 -10.53 11.50 -17.88
C LYS A 165 -11.17 10.68 -16.77
N LEU A 166 -10.56 9.55 -16.42
CA LEU A 166 -11.08 8.73 -15.34
C LEU A 166 -11.02 9.44 -13.99
N ALA A 167 -10.05 10.35 -13.83
CA ALA A 167 -9.99 11.14 -12.60
C ALA A 167 -11.11 12.16 -12.56
N ASN A 168 -11.38 12.82 -13.70
CA ASN A 168 -12.46 13.81 -13.75
C ASN A 168 -13.83 13.16 -13.58
N GLU A 169 -14.00 11.93 -14.06
CA GLU A 169 -15.28 11.23 -13.87
C GLU A 169 -15.53 10.97 -12.39
N GLN A 170 -14.48 10.62 -11.63
CA GLN A 170 -14.63 10.47 -10.20
C GLN A 170 -14.87 11.82 -9.52
N ILE A 171 -14.27 12.88 -10.04
CA ILE A 171 -14.56 14.22 -9.53
C ILE A 171 -15.99 14.63 -9.90
N GLN A 172 -16.44 14.26 -11.10
CA GLN A 172 -17.81 14.55 -11.50
C GLN A 172 -18.81 13.78 -10.65
N LYS A 173 -18.49 12.52 -10.33
CA LYS A 173 -19.36 11.75 -9.44
C LYS A 173 -19.39 12.35 -8.04
N ALA A 174 -18.27 12.93 -7.59
CA ALA A 174 -18.26 13.62 -6.31
C ALA A 174 -18.87 15.01 -6.42
N GLY A 175 -18.82 15.62 -7.60
CA GLY A 175 -19.42 16.91 -7.83
C GLY A 175 -18.46 18.07 -7.64
N GLY A 176 -18.93 19.26 -8.02
CA GLY A 176 -18.14 20.46 -7.85
C GLY A 176 -17.96 20.87 -6.41
N LEU A 177 -18.84 20.41 -5.52
CA LEU A 177 -18.69 20.69 -4.09
C LEU A 177 -17.43 20.05 -3.52
N LYS A 178 -16.92 18.99 -4.15
CA LYS A 178 -15.67 18.36 -3.74
C LYS A 178 -14.48 19.08 -4.38
N THR A 179 -14.39 20.38 -4.10
CA THR A 179 -13.29 21.19 -4.63
C THR A 179 -11.93 20.73 -4.13
N SER A 180 -11.89 20.04 -2.98
CA SER A 180 -10.65 19.49 -2.45
C SER A 180 -10.09 18.36 -3.32
N SER A 181 -10.72 18.03 -4.44
CA SER A 181 -10.18 17.01 -5.34
C SER A 181 -8.89 17.51 -5.96
N ILE A 182 -7.82 16.72 -5.81
CA ILE A 182 -6.49 17.08 -6.30
C ILE A 182 -5.99 15.96 -7.20
N ILE A 183 -5.53 16.33 -8.40
CA ILE A 183 -5.00 15.37 -9.36
C ILE A 183 -3.48 15.49 -9.36
N ILE A 184 -2.81 14.37 -9.12
CA ILE A 184 -1.35 14.31 -9.08
C ILE A 184 -0.90 13.39 -10.20
N ALA A 185 -0.35 13.98 -11.26
CA ALA A 185 0.11 13.24 -12.43
C ALA A 185 1.60 12.97 -12.32
N LEU A 186 2.00 11.73 -12.58
CA LEU A 186 3.39 11.31 -12.54
C LEU A 186 3.77 10.80 -13.93
N THR A 187 4.17 11.72 -14.80
CA THR A 187 4.52 11.41 -16.18
C THR A 187 5.90 11.99 -16.50
N ASP A 188 6.31 11.85 -17.75
CA ASP A 188 7.59 12.37 -18.21
C ASP A 188 7.43 13.39 -19.34
N GLY A 189 6.19 13.80 -19.64
CA GLY A 189 5.97 14.79 -20.68
C GLY A 189 6.31 14.35 -22.08
N LYS A 190 6.68 13.08 -22.28
CA LYS A 190 7.03 12.57 -23.60
C LYS A 190 5.76 12.20 -24.34
N LEU A 191 5.09 13.23 -24.86
CA LEU A 191 3.83 13.07 -25.58
C LEU A 191 4.09 13.06 -27.09
N ASP A 192 3.14 12.48 -27.82
CA ASP A 192 3.25 12.37 -29.27
C ASP A 192 1.86 12.57 -29.89
N GLY A 193 1.86 12.98 -31.15
CA GLY A 193 0.60 13.18 -31.85
C GLY A 193 -0.16 14.36 -31.28
N LEU A 194 -1.49 14.22 -31.24
CA LEU A 194 -2.36 15.24 -30.68
C LEU A 194 -2.58 15.07 -29.18
N VAL A 195 -1.87 14.13 -28.55
CA VAL A 195 -1.99 13.96 -27.09
C VAL A 195 -1.64 15.25 -26.35
N PRO A 196 -0.62 16.02 -26.73
CA PRO A 196 -0.45 17.33 -26.09
C PRO A 196 -1.68 18.22 -26.18
N SER A 197 -2.46 18.11 -27.26
CA SER A 197 -3.69 18.90 -27.36
C SER A 197 -4.81 18.33 -26.49
N TYR A 198 -4.87 17.01 -26.34
CA TYR A 198 -5.92 16.41 -25.53
C TYR A 198 -5.56 16.41 -24.04
N ALA A 199 -4.26 16.35 -23.71
CA ALA A 199 -3.86 16.40 -22.30
C ALA A 199 -4.14 17.77 -21.71
N GLU A 200 -3.90 18.84 -22.47
CA GLU A 200 -4.22 20.18 -21.99
C GLU A 200 -5.73 20.41 -21.99
N LYS A 201 -6.45 19.82 -22.93
CA LYS A 201 -7.90 19.98 -22.95
C LYS A 201 -8.55 19.25 -21.77
N GLU A 202 -8.13 18.02 -21.50
CA GLU A 202 -8.68 17.28 -20.37
C GLU A 202 -8.27 17.91 -19.04
N ALA A 203 -7.10 18.56 -18.99
CA ALA A 203 -6.69 19.24 -17.77
C ALA A 203 -7.59 20.43 -17.47
N LYS A 204 -8.01 21.15 -18.51
CA LYS A 204 -8.94 22.27 -18.32
C LYS A 204 -10.30 21.77 -17.83
N ILE A 205 -10.69 20.55 -18.21
CA ILE A 205 -11.92 19.97 -17.69
C ILE A 205 -11.79 19.72 -16.19
N SER A 206 -10.61 19.31 -15.74
CA SER A 206 -10.37 19.16 -14.31
C SER A 206 -10.47 20.51 -13.61
N ARG A 207 -9.95 21.57 -14.24
CA ARG A 207 -10.06 22.91 -13.68
C ARG A 207 -11.49 23.40 -13.67
N SER A 208 -12.28 23.02 -14.68
CA SER A 208 -13.70 23.40 -14.69
C SER A 208 -14.48 22.67 -13.61
N LEU A 209 -14.03 21.49 -13.21
CA LEU A 209 -14.63 20.75 -12.12
C LEU A 209 -14.11 21.16 -10.75
N GLY A 210 -13.31 22.22 -10.69
CA GLY A 210 -12.78 22.68 -9.42
C GLY A 210 -11.70 21.81 -8.84
N ALA A 211 -10.77 21.35 -9.66
CA ALA A 211 -9.68 20.49 -9.22
C ALA A 211 -8.34 21.10 -9.57
N SER A 212 -7.33 20.78 -8.77
CA SER A 212 -5.96 21.27 -8.97
C SER A 212 -5.13 20.18 -9.63
N VAL A 213 -4.45 20.54 -10.71
CA VAL A 213 -3.66 19.60 -11.50
C VAL A 213 -2.19 19.80 -11.14
N TYR A 214 -1.60 18.82 -10.44
CA TYR A 214 -0.19 18.83 -10.09
C TYR A 214 0.54 17.81 -10.94
N ALA A 215 1.66 18.22 -11.52
CA ALA A 215 2.46 17.37 -12.39
C ALA A 215 3.77 17.02 -11.71
N VAL A 216 4.16 15.75 -11.85
CA VAL A 216 5.41 15.23 -11.28
C VAL A 216 6.26 14.72 -12.43
N GLY A 217 7.37 15.40 -12.70
CA GLY A 217 8.24 15.00 -13.79
C GLY A 217 9.17 13.87 -13.39
N VAL A 218 9.30 12.90 -14.29
CA VAL A 218 10.13 11.72 -14.08
C VAL A 218 11.26 11.73 -15.09
N LEU A 219 12.48 11.51 -14.61
CA LEU A 219 13.68 11.49 -15.44
C LEU A 219 13.81 12.79 -16.24
N ASP A 220 13.49 12.74 -17.52
CA ASP A 220 13.46 13.92 -18.38
C ASP A 220 12.01 14.29 -18.66
N PHE A 221 11.68 15.56 -18.51
CA PHE A 221 10.32 16.04 -18.67
C PHE A 221 10.33 17.40 -19.34
N GLU A 222 9.48 17.55 -20.36
CA GLU A 222 9.32 18.84 -21.03
C GLU A 222 8.58 19.79 -20.10
N GLN A 223 9.30 20.76 -19.55
CA GLN A 223 8.69 21.68 -18.59
C GLN A 223 7.58 22.50 -19.24
N ALA A 224 7.77 22.90 -20.51
CA ALA A 224 6.74 23.64 -21.21
C ALA A 224 5.48 22.79 -21.42
N GLN A 225 5.63 21.47 -21.47
CA GLN A 225 4.48 20.60 -21.65
C GLN A 225 3.71 20.41 -20.35
N LEU A 226 4.43 20.21 -19.24
CA LEU A 226 3.77 19.97 -17.96
C LEU A 226 3.15 21.25 -17.40
N GLU A 227 3.73 22.41 -17.71
CA GLU A 227 3.16 23.67 -17.25
C GLU A 227 1.82 23.95 -17.91
N ARG A 228 1.61 23.44 -19.12
CA ARG A 228 0.32 23.59 -19.77
C ARG A 228 -0.72 22.62 -19.21
N ILE A 229 -0.29 21.44 -18.75
CA ILE A 229 -1.21 20.51 -18.11
C ILE A 229 -1.56 20.99 -16.72
N ALA A 230 -0.56 21.38 -15.94
CA ALA A 230 -0.80 21.92 -14.61
C ALA A 230 -1.37 23.33 -14.71
N ASP A 231 -1.85 23.83 -13.57
CA ASP A 231 -2.43 25.18 -13.55
C ASP A 231 -1.36 26.24 -13.80
N SER A 232 -0.18 26.08 -13.19
CA SER A 232 0.91 27.04 -13.35
C SER A 232 2.23 26.27 -13.30
N LYS A 233 3.33 27.01 -13.35
CA LYS A 233 4.65 26.41 -13.29
C LYS A 233 5.04 26.00 -11.87
N GLU A 234 4.45 26.64 -10.86
CA GLU A 234 4.77 26.28 -9.47
C GLU A 234 4.28 24.88 -9.13
N GLN A 235 3.20 24.44 -9.75
CA GLN A 235 2.62 23.12 -9.49
C GLN A 235 3.34 22.01 -10.27
N VAL A 236 4.55 22.27 -10.76
CA VAL A 236 5.34 21.27 -11.46
C VAL A 236 6.64 21.07 -10.68
N PHE A 237 6.90 19.84 -10.24
CA PHE A 237 8.07 19.53 -9.45
C PHE A 237 8.51 18.10 -9.76
N PRO A 238 9.81 17.82 -9.70
CA PRO A 238 10.33 16.47 -9.95
C PRO A 238 10.09 15.51 -8.79
N GLY A 242 11.45 17.21 0.44
CA GLY A 242 11.66 17.70 -0.91
C GLY A 242 10.38 17.80 -1.72
N PHE A 243 10.34 17.08 -2.84
CA PHE A 243 9.14 17.08 -3.67
C PHE A 243 7.96 16.46 -2.96
N GLN A 244 8.20 15.44 -2.13
CA GLN A 244 7.11 14.87 -1.33
C GLN A 244 6.61 15.87 -0.29
N ALA A 245 7.51 16.66 0.28
CA ALA A 245 7.08 17.71 1.20
C ALA A 245 6.37 18.84 0.47
N LEU A 246 6.76 19.11 -0.78
CA LEU A 246 6.04 20.10 -1.57
C LEU A 246 4.63 19.64 -1.90
N LYS A 247 4.46 18.35 -2.18
CA LYS A 247 3.12 17.80 -2.41
C LYS A 247 2.32 17.76 -1.12
N GLY A 248 2.97 17.58 0.02
CA GLY A 248 2.26 17.61 1.29
C GLY A 248 1.87 19.00 1.73
N ILE A 249 2.67 20.00 1.36
CA ILE A 249 2.34 21.38 1.71
C ILE A 249 1.23 21.91 0.81
N ILE A 250 1.29 21.59 -0.48
CA ILE A 250 0.28 22.05 -1.42
C ILE A 250 0.09 21.01 -2.53
N GLY B 1 13.51 -16.13 -17.42
CA GLY B 1 12.58 -15.01 -17.40
C GLY B 1 11.15 -15.41 -17.69
N SER B 2 10.25 -15.14 -16.74
CA SER B 2 8.85 -15.48 -16.92
C SER B 2 7.91 -14.37 -16.44
N ILE B 3 8.44 -13.17 -16.18
CA ILE B 3 7.65 -12.04 -15.70
C ILE B 3 6.92 -12.44 -14.42
N ALA B 4 7.68 -12.70 -13.36
CA ALA B 4 7.09 -13.15 -12.10
C ALA B 4 6.15 -12.08 -11.55
N LEU B 5 4.90 -12.47 -11.31
CA LEU B 5 3.88 -11.54 -10.84
C LEU B 5 2.75 -12.25 -10.09
N PRO B 6 2.12 -13.31 -10.65
CA PRO B 6 0.98 -13.92 -9.95
C PRO B 6 1.37 -14.59 -8.64
N ALA B 7 0.88 -14.04 -7.52
CA ALA B 7 1.19 -14.60 -6.22
C ALA B 7 0.42 -15.90 -5.97
N HIS B 8 -0.78 -16.03 -6.54
CA HIS B 8 -1.55 -17.26 -6.38
C HIS B 8 -0.89 -18.42 -7.12
N LEU B 9 -0.19 -18.14 -8.22
CA LEU B 9 0.50 -19.16 -8.99
C LEU B 9 1.91 -19.43 -8.47
N ARG B 10 2.24 -18.97 -7.27
CA ARG B 10 3.55 -19.22 -6.66
C ARG B 10 3.57 -20.64 -6.08
N LEU B 11 3.52 -21.60 -6.99
CA LEU B 11 3.52 -23.02 -6.63
C LEU B 11 3.97 -23.80 -7.87
N GLN B 12 4.48 -25.00 -7.62
CA GLN B 12 4.96 -25.82 -8.72
C GLN B 12 3.82 -26.09 -9.70
N PRO B 13 4.09 -26.04 -11.02
CA PRO B 13 3.03 -26.32 -12.00
C PRO B 13 2.42 -27.70 -11.84
N ILE B 14 3.09 -28.62 -11.16
CA ILE B 14 2.51 -29.94 -10.90
C ILE B 14 1.29 -29.79 -9.99
N TYR B 15 1.37 -28.89 -9.01
CA TYR B 15 0.30 -28.68 -8.04
C TYR B 15 -0.61 -27.52 -8.43
N TRP B 16 -1.01 -27.48 -9.70
CA TRP B 16 -1.94 -26.46 -10.18
C TRP B 16 -3.31 -27.09 -10.41
N SER B 17 -4.34 -26.41 -9.95
CA SER B 17 -5.71 -26.89 -10.08
C SER B 17 -6.33 -26.35 -11.37
N ARG B 18 -7.64 -26.52 -11.52
CA ARG B 18 -8.33 -26.02 -12.70
C ARG B 18 -8.30 -24.50 -12.75
N ASP B 19 -8.63 -23.86 -11.62
CA ASP B 19 -8.63 -22.40 -11.59
C ASP B 19 -7.23 -21.83 -11.74
N ASP B 20 -6.22 -22.56 -11.29
CA ASP B 20 -4.84 -22.09 -11.44
C ASP B 20 -4.45 -21.97 -12.90
N VAL B 21 -4.85 -22.93 -13.73
CA VAL B 21 -4.55 -22.86 -15.15
C VAL B 21 -5.41 -21.79 -15.82
N ALA B 22 -6.66 -21.65 -15.37
CA ALA B 22 -7.54 -20.64 -15.95
C ALA B 22 -7.04 -19.23 -15.65
N GLN B 23 -6.66 -18.98 -14.39
CA GLN B 23 -6.12 -17.66 -14.05
C GLN B 23 -4.74 -17.45 -14.64
N TRP B 24 -4.00 -18.53 -14.91
CA TRP B 24 -2.70 -18.39 -15.57
C TRP B 24 -2.85 -17.86 -16.99
N LEU B 25 -3.93 -18.23 -17.68
CA LEU B 25 -4.18 -17.70 -19.01
C LEU B 25 -4.66 -16.25 -18.94
N LYS B 26 -5.41 -15.90 -17.89
CA LYS B 26 -5.87 -14.53 -17.74
C LYS B 26 -4.73 -13.58 -17.43
N TRP B 27 -3.78 -14.01 -16.59
CA TRP B 27 -2.63 -13.17 -16.26
C TRP B 27 -1.71 -13.02 -17.46
N ALA B 28 -1.42 -14.13 -18.17
CA ALA B 28 -0.55 -14.05 -19.33
C ALA B 28 -1.18 -13.24 -20.45
N GLU B 29 -2.51 -13.17 -20.49
CA GLU B 29 -3.19 -12.37 -21.51
C GLU B 29 -2.98 -10.88 -21.26
N ASN B 30 -2.95 -10.47 -19.99
CA ASN B 30 -2.80 -9.06 -19.65
C ASN B 30 -1.35 -8.65 -19.44
N GLU B 31 -0.49 -9.56 -18.97
CA GLU B 31 0.90 -9.22 -18.74
C GLU B 31 1.67 -9.10 -20.05
N PHE B 32 1.37 -9.97 -21.02
CA PHE B 32 2.05 -9.97 -22.31
C PHE B 32 1.21 -9.36 -23.43
N SER B 33 0.00 -8.89 -23.11
CA SER B 33 -0.90 -8.26 -24.09
C SER B 33 -1.09 -9.17 -25.31
N LEU B 34 -1.77 -10.28 -25.07
CA LEU B 34 -2.01 -11.28 -26.08
C LEU B 34 -3.43 -11.18 -26.63
N ARG B 35 -3.71 -12.00 -27.64
CA ARG B 35 -5.06 -12.13 -28.14
C ARG B 35 -5.96 -12.69 -27.04
N PRO B 36 -7.22 -12.24 -26.93
CA PRO B 36 -8.11 -12.75 -25.87
C PRO B 36 -8.16 -14.27 -25.80
N ILE B 37 -7.58 -14.82 -24.73
CA ILE B 37 -7.51 -16.27 -24.53
C ILE B 37 -8.76 -16.72 -23.79
N ASP B 38 -9.38 -17.78 -24.28
CA ASP B 38 -10.54 -18.35 -23.61
C ASP B 38 -10.11 -19.10 -22.35
N SER B 39 -10.78 -18.82 -21.23
CA SER B 39 -10.51 -19.54 -19.99
C SER B 39 -10.89 -21.01 -20.09
N ASN B 40 -11.82 -21.36 -20.98
CA ASN B 40 -12.23 -22.75 -21.20
C ASN B 40 -11.42 -23.42 -22.29
N THR B 41 -10.11 -23.17 -22.32
CA THR B 41 -9.24 -23.78 -23.32
C THR B 41 -8.47 -24.97 -22.72
N PHE B 42 -7.61 -24.68 -21.75
CA PHE B 42 -6.86 -25.74 -21.07
C PHE B 42 -7.61 -26.19 -19.81
N GLU B 43 -8.80 -26.74 -20.03
CA GLU B 43 -9.63 -27.23 -18.93
C GLU B 43 -9.01 -28.46 -18.29
N MET B 44 -7.95 -28.25 -17.51
CA MET B 44 -7.21 -29.34 -16.90
C MET B 44 -6.39 -28.79 -15.75
N ASN B 45 -5.86 -29.71 -14.94
CA ASN B 45 -4.98 -29.32 -13.84
C ASN B 45 -3.59 -29.03 -14.39
N GLY B 46 -2.63 -28.79 -13.49
CA GLY B 46 -1.27 -28.53 -13.92
C GLY B 46 -0.55 -29.76 -14.40
N LYS B 47 -0.88 -30.93 -13.85
CA LYS B 47 -0.21 -32.15 -14.25
C LYS B 47 -0.53 -32.49 -15.70
N ALA B 48 -1.79 -32.35 -16.10
CA ALA B 48 -2.15 -32.60 -17.49
C ALA B 48 -1.58 -31.54 -18.43
N LEU B 49 -1.33 -30.33 -17.92
CA LEU B 49 -0.73 -29.29 -18.74
C LEU B 49 0.72 -29.60 -19.07
N LEU B 50 1.41 -30.33 -18.18
CA LEU B 50 2.80 -30.71 -18.42
C LEU B 50 2.94 -31.90 -19.35
N LEU B 51 1.84 -32.58 -19.69
CA LEU B 51 1.89 -33.71 -20.59
C LEU B 51 1.62 -33.33 -22.05
N LEU B 52 0.98 -32.18 -22.28
CA LEU B 52 0.70 -31.76 -23.64
C LEU B 52 1.97 -31.35 -24.36
N THR B 53 2.00 -31.58 -25.66
CA THR B 53 3.14 -31.20 -26.49
C THR B 53 3.01 -29.74 -26.93
N LYS B 54 4.08 -29.24 -27.53
CA LYS B 54 4.05 -27.86 -28.03
C LYS B 54 3.05 -27.70 -29.16
N GLU B 55 2.84 -28.74 -29.96
CA GLU B 55 1.82 -28.67 -31.01
C GLU B 55 0.42 -28.64 -30.43
N ASP B 56 0.22 -29.22 -29.24
CA ASP B 56 -1.09 -29.16 -28.61
C ASP B 56 -1.45 -27.74 -28.20
N PHE B 57 -0.46 -26.96 -27.74
CA PHE B 57 -0.72 -25.56 -27.42
C PHE B 57 -1.09 -24.76 -28.67
N ARG B 58 -0.60 -25.18 -29.83
CA ARG B 58 -0.93 -24.49 -31.07
C ARG B 58 -2.35 -24.80 -31.53
N TYR B 59 -2.78 -26.06 -31.39
CA TYR B 59 -4.13 -26.42 -31.80
C TYR B 59 -5.18 -25.79 -30.89
N ARG B 60 -4.94 -25.80 -29.58
CA ARG B 60 -5.90 -25.24 -28.64
C ARG B 60 -5.85 -23.71 -28.62
N SER B 61 -4.67 -23.12 -28.83
CA SER B 61 -4.49 -21.68 -28.86
C SER B 61 -3.67 -21.32 -30.08
N PRO B 62 -4.31 -21.09 -31.23
CA PRO B 62 -3.55 -20.77 -32.44
C PRO B 62 -2.88 -19.40 -32.41
N HIS B 63 -3.35 -18.47 -31.57
CA HIS B 63 -2.84 -17.12 -31.58
C HIS B 63 -1.68 -16.92 -30.60
N SER B 64 -1.73 -17.56 -29.43
CA SER B 64 -0.73 -17.35 -28.40
C SER B 64 -0.23 -18.65 -27.78
N GLY B 65 -0.64 -19.80 -28.30
CA GLY B 65 -0.18 -21.07 -27.76
C GLY B 65 1.31 -21.29 -27.89
N ASP B 66 1.96 -20.63 -28.86
CA ASP B 66 3.40 -20.75 -29.00
C ASP B 66 4.13 -20.21 -27.78
N GLU B 67 3.68 -19.07 -27.27
CA GLU B 67 4.32 -18.48 -26.09
C GLU B 67 3.87 -19.15 -24.80
N LEU B 68 2.60 -19.57 -24.73
CA LEU B 68 2.09 -20.21 -23.52
C LEU B 68 2.87 -21.47 -23.18
N TYR B 69 3.27 -22.24 -24.20
CA TYR B 69 4.12 -23.40 -23.95
C TYR B 69 5.50 -22.96 -23.47
N GLU B 70 6.11 -22.01 -24.19
CA GLU B 70 7.45 -21.54 -23.80
C GLU B 70 7.41 -20.81 -22.47
N LEU B 71 6.33 -20.08 -22.18
CA LEU B 71 6.19 -19.45 -20.88
C LEU B 71 6.13 -20.50 -19.77
N LEU B 72 5.43 -21.60 -20.03
CA LEU B 72 5.38 -22.68 -19.04
C LEU B 72 6.74 -23.33 -18.85
N GLN B 73 7.51 -23.46 -19.94
CA GLN B 73 8.84 -24.06 -19.83
C GLN B 73 9.78 -23.19 -19.00
N HIS B 74 9.68 -21.87 -19.14
CA HIS B 74 10.48 -20.97 -18.31
C HIS B 74 10.06 -21.07 -16.85
N ILE B 75 8.75 -21.22 -16.59
CA ILE B 75 8.28 -21.38 -15.22
C ILE B 75 8.70 -22.74 -14.67
N LEU B 76 8.76 -23.77 -15.50
CA LEU B 76 9.14 -25.10 -15.04
C LEU B 76 10.58 -25.10 -14.52
N ALA B 77 11.53 -24.68 -15.35
CA ALA B 77 12.94 -24.72 -14.97
C ALA B 77 13.30 -23.65 -13.93
N GLN B 78 12.37 -22.77 -13.57
CA GLN B 78 12.64 -21.73 -12.58
C GLN B 78 12.24 -22.17 -11.18
N ALA B 79 10.96 -22.51 -11.00
CA ALA B 79 10.48 -22.93 -9.68
C ALA B 79 11.13 -24.24 -9.26
N ARG B 80 11.33 -25.16 -10.21
CA ARG B 80 11.98 -26.44 -9.94
C ARG B 80 13.49 -26.25 -10.12
N ALA B 81 14.18 -25.98 -9.02
CA ALA B 81 15.63 -25.77 -9.04
C ALA B 81 16.24 -26.34 -7.79
N ALA B 82 17.57 -26.42 -7.78
CA ALA B 82 18.33 -26.99 -6.66
C ALA B 82 19.59 -26.14 -6.47
N PHE B 83 19.58 -25.30 -5.44
CA PHE B 83 20.71 -24.44 -5.12
C PHE B 83 20.50 -23.84 -3.74
N ASP B 84 21.60 -23.55 -3.06
CA ASP B 84 21.58 -22.92 -1.74
C ASP B 84 21.77 -21.43 -1.89
N LEU B 85 20.85 -20.65 -1.32
CA LEU B 85 20.90 -19.19 -1.37
C LEU B 85 21.13 -18.66 0.04
N TYR B 86 22.20 -17.89 0.21
CA TYR B 86 22.58 -17.32 1.51
C TYR B 86 22.32 -15.82 1.47
N PHE B 87 21.27 -15.38 2.15
CA PHE B 87 20.92 -13.97 2.18
C PHE B 87 21.80 -13.25 3.20
N VAL B 88 22.71 -12.43 2.73
CA VAL B 88 23.61 -11.68 3.59
C VAL B 88 22.95 -10.39 4.02
N LEU B 89 21.91 -10.49 4.84
CA LEU B 89 21.23 -9.31 5.34
C LEU B 89 22.14 -8.52 6.26
N ASP B 90 21.92 -7.21 6.32
CA ASP B 90 22.72 -6.31 7.13
C ASP B 90 21.81 -5.38 7.92
N SER B 92 22.98 -2.20 9.69
CA SER B 92 23.94 -1.17 10.06
C SER B 92 23.24 0.18 10.24
N GLY B 93 23.98 1.13 10.81
CA GLY B 93 23.46 2.48 10.94
C GLY B 93 23.15 3.12 9.62
N SER B 94 23.89 2.77 8.57
CA SER B 94 23.56 3.24 7.23
C SER B 94 22.30 2.56 6.71
N VAL B 95 22.05 1.32 7.13
CA VAL B 95 20.91 0.55 6.66
C VAL B 95 19.70 0.88 7.52
N ALA B 96 19.85 1.84 8.44
CA ALA B 96 18.75 2.23 9.32
C ALA B 96 17.61 2.92 8.56
N ASN B 97 17.78 3.19 7.27
CA ASN B 97 16.70 3.79 6.49
C ASN B 97 15.49 2.88 6.43
N ASN B 98 15.71 1.57 6.23
CA ASN B 98 14.63 0.62 6.14
C ASN B 98 15.12 -0.82 6.31
N TRP B 99 15.41 -1.21 7.55
CA TRP B 99 15.78 -2.60 7.81
C TRP B 99 14.59 -3.53 7.66
N ILE B 100 13.39 -3.05 7.99
CA ILE B 100 12.19 -3.86 7.82
C ILE B 100 11.91 -4.10 6.35
N GLU B 101 12.36 -3.19 5.48
CA GLU B 101 12.21 -3.42 4.05
C GLU B 101 13.23 -4.41 3.52
N ILE B 102 14.37 -4.54 4.19
CA ILE B 102 15.39 -5.49 3.75
C ILE B 102 14.87 -6.91 3.80
N TYR B 103 14.01 -7.23 4.76
CA TYR B 103 13.36 -8.55 4.78
C TYR B 103 12.34 -8.67 3.65
N ASN B 104 11.72 -7.56 3.26
CA ASN B 104 10.75 -7.59 2.18
C ASN B 104 11.43 -7.74 0.82
N PHE B 105 12.66 -7.24 0.68
CA PHE B 105 13.40 -7.44 -0.57
C PHE B 105 13.69 -8.91 -0.80
N VAL B 106 14.11 -9.63 0.25
CA VAL B 106 14.40 -11.04 0.12
C VAL B 106 13.14 -11.90 0.20
N GLN B 107 12.04 -11.35 0.74
CA GLN B 107 10.80 -12.11 0.81
C GLN B 107 10.24 -12.41 -0.59
N GLN B 108 10.53 -11.56 -1.57
CA GLN B 108 10.10 -11.83 -2.93
C GLN B 108 10.91 -12.96 -3.54
N LEU B 109 12.22 -13.00 -3.28
CA LEU B 109 13.04 -14.08 -3.80
C LEU B 109 12.73 -15.40 -3.09
N ALA B 110 12.41 -15.34 -1.80
CA ALA B 110 12.02 -16.55 -1.07
C ALA B 110 10.68 -17.09 -1.55
N GLU B 111 9.75 -16.19 -1.88
CA GLU B 111 8.46 -16.62 -2.39
C GLU B 111 8.55 -17.14 -3.82
N ARG B 112 9.62 -16.83 -4.54
CA ARG B 112 9.78 -17.29 -5.91
C ARG B 112 10.27 -18.73 -5.96
N PHE B 113 11.22 -19.09 -5.12
CA PHE B 113 11.79 -20.43 -5.06
C PHE B 113 11.31 -21.10 -3.79
N VAL B 114 10.44 -22.10 -3.93
CA VAL B 114 9.86 -22.82 -2.80
C VAL B 114 10.18 -24.30 -2.82
N SER B 115 10.98 -24.76 -3.79
CA SER B 115 11.32 -26.18 -3.85
C SER B 115 12.19 -26.56 -2.65
N PRO B 116 12.04 -27.81 -2.17
CA PRO B 116 12.85 -28.23 -1.01
C PRO B 116 14.33 -28.27 -1.31
N GLU B 117 14.72 -28.51 -2.56
CA GLU B 117 16.12 -28.50 -2.95
C GLU B 117 16.71 -27.10 -2.99
N MET B 118 15.91 -26.06 -2.74
CA MET B 118 16.38 -24.68 -2.70
C MET B 118 16.34 -24.22 -1.25
N ARG B 119 17.48 -24.34 -0.57
CA ARG B 119 17.60 -23.94 0.83
C ARG B 119 17.96 -22.46 0.94
N LEU B 120 17.55 -21.85 2.05
CA LEU B 120 17.76 -20.44 2.29
C LEU B 120 18.37 -20.22 3.67
N SER B 121 19.14 -19.15 3.80
CA SER B 121 19.76 -18.80 5.07
C SER B 121 19.83 -17.29 5.18
N PHE B 122 19.94 -16.81 6.42
CA PHE B 122 20.02 -15.38 6.69
C PHE B 122 21.00 -15.12 7.82
N ILE B 123 21.59 -13.93 7.83
CA ILE B 123 22.56 -13.54 8.83
C ILE B 123 22.36 -12.06 9.17
N VAL B 124 22.77 -11.68 10.38
CA VAL B 124 22.62 -10.30 10.82
C VAL B 124 23.66 -9.41 10.13
N PHE B 125 24.93 -9.80 10.21
CA PHE B 125 26.03 -9.12 9.51
C PHE B 125 26.05 -7.62 9.84
N SER B 126 25.90 -7.30 11.12
CA SER B 126 25.92 -5.91 11.55
C SER B 126 26.99 -5.70 12.61
N SER B 127 26.80 -4.69 13.47
CA SER B 127 27.71 -4.52 14.61
C SER B 127 27.66 -5.71 15.54
N GLN B 128 26.49 -6.33 15.68
CA GLN B 128 26.33 -7.57 16.42
C GLN B 128 25.92 -8.67 15.45
N ALA B 129 26.87 -9.07 14.61
CA ALA B 129 26.60 -10.05 13.57
C ALA B 129 26.23 -11.40 14.17
N THR B 130 25.22 -12.05 13.59
CA THR B 130 24.80 -13.36 14.07
C THR B 130 24.05 -14.09 12.96
N ILE B 132 20.86 -15.08 11.47
CA ILE B 132 19.42 -14.82 11.52
C ILE B 132 18.63 -16.09 11.24
N LEU B 133 18.98 -16.78 10.16
CA LEU B 133 18.26 -17.99 9.78
C LEU B 133 19.26 -19.00 9.25
N PRO B 134 19.26 -20.23 9.77
CA PRO B 134 20.19 -21.24 9.26
C PRO B 134 19.73 -21.78 7.91
N LEU B 135 20.68 -22.40 7.21
CA LEU B 135 20.40 -22.96 5.89
C LEU B 135 19.46 -24.15 6.03
N THR B 136 18.25 -24.02 5.48
CA THR B 136 17.26 -25.08 5.57
C THR B 136 16.27 -24.93 4.42
N GLY B 137 15.55 -26.01 4.14
CA GLY B 137 14.55 -26.00 3.09
C GLY B 137 13.14 -26.01 3.64
N ASP B 138 13.01 -26.05 4.96
CA ASP B 138 11.70 -26.06 5.61
C ASP B 138 11.09 -24.66 5.55
N ARG B 139 9.94 -24.54 4.90
CA ARG B 139 9.28 -23.24 4.79
C ARG B 139 8.81 -22.73 6.15
N GLY B 140 8.50 -23.64 7.08
CA GLY B 140 8.12 -23.20 8.41
C GLY B 140 9.25 -22.53 9.15
N LYS B 141 10.45 -23.09 9.08
CA LYS B 141 11.61 -22.45 9.68
C LYS B 141 11.99 -21.18 8.92
N ILE B 142 11.75 -21.15 7.60
CA ILE B 142 12.01 -19.93 6.85
C ILE B 142 11.00 -18.85 7.18
N SER B 143 9.77 -19.24 7.55
CA SER B 143 8.78 -18.25 7.97
C SER B 143 9.15 -17.63 9.31
N LYS B 144 9.74 -18.42 10.21
CA LYS B 144 10.20 -17.87 11.48
C LYS B 144 11.39 -16.94 11.28
N GLY B 145 12.30 -17.31 10.36
CA GLY B 145 13.42 -16.44 10.06
C GLY B 145 13.01 -15.17 9.35
N LEU B 146 11.98 -15.24 8.51
CA LEU B 146 11.48 -14.05 7.83
C LEU B 146 10.84 -13.09 8.82
N GLU B 147 10.17 -13.62 9.84
CA GLU B 147 9.59 -12.76 10.88
C GLU B 147 10.68 -12.12 11.73
N ASP B 148 11.72 -12.89 12.07
CA ASP B 148 12.83 -12.33 12.82
C ASP B 148 13.64 -11.35 11.99
N LEU B 149 13.75 -11.58 10.69
CA LEU B 149 14.43 -10.64 9.81
C LEU B 149 13.63 -9.34 9.68
N LYS B 150 12.30 -9.43 9.73
CA LYS B 150 11.48 -8.23 9.68
C LYS B 150 11.61 -7.41 10.97
N ARG B 151 11.71 -8.10 12.11
CA ARG B 151 11.87 -7.41 13.39
C ARG B 151 13.27 -6.84 13.58
N VAL B 152 14.23 -7.22 12.73
CA VAL B 152 15.60 -6.74 12.87
C VAL B 152 15.64 -5.27 12.50
N SER B 153 16.09 -4.44 13.43
CA SER B 153 16.26 -3.01 13.19
C SER B 153 17.74 -2.68 12.98
N PRO B 154 18.04 -1.80 12.02
CA PRO B 154 19.45 -1.51 11.71
C PRO B 154 20.00 -0.32 12.48
N GLY B 156 24.20 1.15 14.17
CA GLY B 156 25.62 0.89 14.39
C GLY B 156 26.42 1.04 13.10
N GLU B 157 27.26 0.05 12.81
CA GLU B 157 28.11 0.06 11.63
C GLU B 157 27.92 -1.24 10.87
N THR B 158 28.49 -1.28 9.67
CA THR B 158 28.36 -2.43 8.78
C THR B 158 29.60 -3.32 8.86
N TYR B 159 29.39 -4.63 8.84
CA TYR B 159 30.46 -5.62 8.86
C TYR B 159 30.15 -6.66 7.78
N ILE B 160 30.22 -6.24 6.52
CA ILE B 160 29.92 -7.15 5.42
C ILE B 160 30.95 -8.28 5.34
N HIS B 161 32.19 -8.02 5.76
CA HIS B 161 33.19 -9.07 5.76
C HIS B 161 32.86 -10.16 6.77
N GLU B 162 32.42 -9.76 7.97
CA GLU B 162 32.06 -10.75 8.99
C GLU B 162 30.81 -11.52 8.58
N GLY B 163 29.85 -10.86 7.95
CA GLY B 163 28.65 -11.55 7.50
C GLY B 163 28.92 -12.48 6.35
N LEU B 164 29.76 -12.07 5.40
CA LEU B 164 30.14 -12.96 4.30
C LEU B 164 30.93 -14.15 4.79
N LYS B 165 31.70 -13.98 5.87
CA LYS B 165 32.41 -15.12 6.46
C LYS B 165 31.46 -16.08 7.15
N LEU B 166 30.37 -15.56 7.73
CA LEU B 166 29.38 -16.43 8.35
C LEU B 166 28.66 -17.29 7.32
N ALA B 167 28.31 -16.69 6.17
CA ALA B 167 27.69 -17.47 5.10
C ALA B 167 28.68 -18.42 4.46
N ASN B 168 29.96 -18.04 4.42
CA ASN B 168 30.98 -18.93 3.86
C ASN B 168 31.23 -20.12 4.77
N GLU B 169 31.15 -19.92 6.08
CA GLU B 169 31.33 -21.03 7.01
C GLU B 169 30.16 -22.01 6.92
N GLN B 170 28.94 -21.49 6.72
CA GLN B 170 27.79 -22.37 6.57
C GLN B 170 27.81 -23.08 5.22
N ILE B 171 28.32 -22.42 4.19
CA ILE B 171 28.44 -23.06 2.87
C ILE B 171 29.52 -24.14 2.91
N GLN B 172 30.61 -23.89 3.64
CA GLN B 172 31.65 -24.90 3.76
C GLN B 172 31.16 -26.10 4.57
N LYS B 173 30.37 -25.86 5.61
CA LYS B 173 29.82 -26.96 6.40
C LYS B 173 28.80 -27.75 5.61
N ALA B 174 28.06 -27.09 4.71
CA ALA B 174 27.10 -27.81 3.88
C ALA B 174 27.78 -28.68 2.84
N GLY B 175 28.96 -28.29 2.39
CA GLY B 175 29.69 -29.07 1.40
C GLY B 175 30.77 -28.28 0.69
N GLY B 176 30.67 -26.96 0.76
CA GLY B 176 31.65 -26.10 0.10
C GLY B 176 31.58 -26.18 -1.41
N LEU B 177 32.62 -26.73 -2.03
CA LEU B 177 32.62 -26.90 -3.48
C LEU B 177 31.59 -27.93 -3.92
N LYS B 178 31.34 -28.95 -3.09
CA LYS B 178 30.34 -29.94 -3.43
C LYS B 178 28.92 -29.37 -3.35
N THR B 179 28.70 -28.41 -2.45
CA THR B 179 27.39 -27.81 -2.31
C THR B 179 27.20 -26.69 -3.32
N SER B 180 26.02 -26.69 -3.96
CA SER B 180 25.66 -25.64 -4.91
C SER B 180 25.18 -24.42 -4.14
N SER B 181 26.05 -23.43 -3.98
CA SER B 181 25.78 -22.26 -3.17
C SER B 181 25.78 -21.01 -4.03
N ILE B 182 24.93 -20.04 -3.66
CA ILE B 182 24.85 -18.76 -4.33
C ILE B 182 24.59 -17.69 -3.27
N ILE B 183 25.48 -16.73 -3.16
CA ILE B 183 25.41 -15.69 -2.14
C ILE B 183 24.76 -14.44 -2.73
N ILE B 184 24.08 -13.68 -1.88
CA ILE B 184 23.42 -12.44 -2.26
C ILE B 184 23.60 -11.46 -1.11
N ALA B 185 24.35 -10.39 -1.34
CA ALA B 185 24.55 -9.39 -0.30
C ALA B 185 24.30 -8.00 -0.85
N LEU B 186 23.62 -7.17 -0.08
CA LEU B 186 23.36 -5.80 -0.52
C LEU B 186 24.64 -4.99 -0.53
N THR B 187 24.70 -3.99 -1.40
CA THR B 187 25.87 -3.13 -1.44
C THR B 187 25.53 -1.75 -0.87
N ASP B 188 26.18 -1.38 0.23
CA ASP B 188 25.88 -0.11 0.87
C ASP B 188 27.04 0.87 0.76
N GLY B 189 28.21 0.38 0.36
CA GLY B 189 29.37 1.23 0.25
C GLY B 189 29.97 1.51 1.61
N LYS B 190 29.44 0.86 2.64
CA LYS B 190 29.95 1.06 4.00
C LYS B 190 31.19 0.22 4.23
N GLY B 193 37.25 2.18 6.54
CA GLY B 193 38.28 1.50 7.29
C GLY B 193 38.77 0.28 6.54
N LEU B 194 39.63 -0.51 7.17
CA LEU B 194 40.14 -1.70 6.52
C LEU B 194 39.05 -2.74 6.24
N VAL B 195 37.79 -2.32 6.25
CA VAL B 195 36.68 -3.23 5.98
C VAL B 195 36.73 -3.65 4.51
N PRO B 196 37.13 -2.76 3.61
CA PRO B 196 37.23 -3.17 2.19
C PRO B 196 38.30 -4.21 1.95
N SER B 197 39.39 -4.19 2.72
CA SER B 197 40.42 -5.22 2.57
C SER B 197 39.95 -6.55 3.12
N TYR B 198 39.16 -6.53 4.20
CA TYR B 198 38.63 -7.75 4.78
C TYR B 198 37.47 -8.32 3.96
N ALA B 199 36.67 -7.44 3.35
CA ALA B 199 35.54 -7.92 2.56
C ALA B 199 36.01 -8.53 1.24
N GLU B 200 37.00 -7.93 0.59
CA GLU B 200 37.50 -8.47 -0.66
C GLU B 200 38.20 -9.81 -0.45
N LYS B 201 38.83 -10.00 0.71
CA LYS B 201 39.50 -11.27 0.99
C LYS B 201 38.50 -12.36 1.34
N GLU B 202 37.43 -12.00 2.06
CA GLU B 202 36.42 -13.00 2.41
C GLU B 202 35.58 -13.39 1.18
N ALA B 203 35.31 -12.43 0.30
CA ALA B 203 34.58 -12.74 -0.92
C ALA B 203 35.38 -13.65 -1.84
N LYS B 204 36.71 -13.48 -1.87
CA LYS B 204 37.55 -14.39 -2.65
C LYS B 204 37.57 -15.78 -2.04
N ILE B 205 37.42 -15.88 -0.72
CA ILE B 205 37.33 -17.20 -0.08
C ILE B 205 36.01 -17.87 -0.43
N SER B 206 34.95 -17.09 -0.63
CA SER B 206 33.67 -17.67 -1.04
C SER B 206 33.75 -18.23 -2.46
N ARG B 207 34.44 -17.52 -3.35
CA ARG B 207 34.64 -18.04 -4.71
C ARG B 207 35.56 -19.25 -4.71
N SER B 208 36.49 -19.31 -3.76
CA SER B 208 37.35 -20.49 -3.64
C SER B 208 36.58 -21.73 -3.20
N LEU B 209 35.44 -21.54 -2.52
CA LEU B 209 34.58 -22.63 -2.11
C LEU B 209 33.54 -22.99 -3.16
N GLY B 210 33.72 -22.54 -4.40
CA GLY B 210 32.81 -22.84 -5.48
C GLY B 210 31.42 -22.24 -5.28
N ALA B 211 31.37 -20.94 -4.98
CA ALA B 211 30.11 -20.26 -4.74
C ALA B 211 30.08 -18.98 -5.57
N SER B 212 28.87 -18.62 -6.03
CA SER B 212 28.66 -17.42 -6.83
C SER B 212 28.16 -16.30 -5.92
N VAL B 213 28.95 -15.23 -5.83
CA VAL B 213 28.59 -14.07 -5.03
C VAL B 213 27.88 -13.06 -5.91
N TYR B 214 26.73 -12.59 -5.46
CA TYR B 214 25.94 -11.59 -6.17
C TYR B 214 25.76 -10.37 -5.28
N ALA B 215 26.04 -9.20 -5.83
CA ALA B 215 25.98 -7.95 -5.09
C ALA B 215 24.66 -7.24 -5.41
N VAL B 216 23.85 -7.02 -4.39
CA VAL B 216 22.59 -6.30 -4.54
C VAL B 216 22.88 -4.83 -4.29
N GLY B 217 23.09 -4.08 -5.36
CA GLY B 217 23.40 -2.67 -5.22
C GLY B 217 22.17 -1.79 -5.30
N VAL B 218 22.21 -0.65 -4.63
CA VAL B 218 21.09 0.27 -4.67
C VAL B 218 21.61 1.70 -4.60
N LEU B 219 20.81 2.65 -5.07
CA LEU B 219 21.23 4.04 -5.06
C LEU B 219 22.59 4.17 -5.71
N ASP B 220 23.57 4.67 -4.96
CA ASP B 220 24.91 4.82 -5.50
C ASP B 220 25.91 3.93 -4.80
N PHE B 221 25.53 2.67 -4.56
CA PHE B 221 26.46 1.74 -3.94
C PHE B 221 27.77 1.69 -4.72
N GLU B 222 28.85 1.32 -4.02
CA GLU B 222 30.16 1.21 -4.65
C GLU B 222 30.15 0.15 -5.72
N GLN B 223 29.93 0.56 -6.98
CA GLN B 223 29.82 -0.40 -8.08
C GLN B 223 31.11 -1.16 -8.28
N ALA B 224 32.26 -0.48 -8.13
CA ALA B 224 33.53 -1.17 -8.28
C ALA B 224 33.76 -2.18 -7.16
N GLN B 225 33.41 -1.80 -5.93
CA GLN B 225 33.54 -2.74 -4.81
C GLN B 225 32.47 -3.84 -4.89
N LEU B 226 31.27 -3.49 -5.35
CA LEU B 226 30.24 -4.50 -5.54
C LEU B 226 30.62 -5.49 -6.62
N GLU B 227 31.26 -5.01 -7.69
CA GLU B 227 31.74 -5.92 -8.73
C GLU B 227 32.89 -6.77 -8.21
N ARG B 228 33.75 -6.21 -7.36
CA ARG B 228 34.85 -6.98 -6.81
C ARG B 228 34.37 -7.96 -5.75
N ILE B 229 33.41 -7.56 -4.92
CA ILE B 229 32.89 -8.45 -3.90
C ILE B 229 32.13 -9.60 -4.55
N ALA B 230 31.37 -9.32 -5.61
CA ALA B 230 30.70 -10.37 -6.34
C ALA B 230 31.72 -11.21 -7.10
N ASP B 231 31.26 -12.35 -7.63
CA ASP B 231 32.14 -13.21 -8.41
C ASP B 231 32.66 -12.51 -9.65
N SER B 232 31.86 -11.63 -10.24
CA SER B 232 32.27 -10.87 -11.41
C SER B 232 31.50 -9.56 -11.44
N LYS B 233 31.82 -8.71 -12.42
CA LYS B 233 31.12 -7.45 -12.56
C LYS B 233 29.66 -7.65 -12.95
N GLU B 234 29.37 -8.68 -13.74
CA GLU B 234 27.99 -8.96 -14.12
C GLU B 234 27.19 -9.56 -12.98
N GLN B 235 27.86 -10.17 -12.00
CA GLN B 235 27.14 -10.75 -10.86
C GLN B 235 26.53 -9.68 -9.98
N VAL B 236 27.12 -8.49 -9.95
CA VAL B 236 26.55 -7.37 -9.19
C VAL B 236 25.27 -6.90 -9.87
N PHE B 237 24.20 -6.80 -9.09
CA PHE B 237 22.88 -6.43 -9.61
C PHE B 237 22.39 -5.17 -8.91
N PRO B 238 22.18 -4.07 -9.61
CA PRO B 238 21.64 -2.87 -8.97
C PRO B 238 20.61 -2.17 -9.83
N VAL B 239 20.08 -2.90 -10.82
CA VAL B 239 19.13 -2.31 -11.76
C VAL B 239 17.83 -1.98 -11.05
N LYS B 240 17.21 -0.85 -11.44
CA LYS B 240 15.94 -0.45 -10.84
C LYS B 240 14.83 -1.42 -11.21
N GLY B 241 14.82 -1.90 -12.46
CA GLY B 241 13.84 -2.87 -12.88
C GLY B 241 14.13 -4.26 -12.37
N GLY B 242 13.14 -5.13 -12.52
CA GLY B 242 13.27 -6.51 -12.08
C GLY B 242 14.23 -7.31 -12.94
N PHE B 243 15.52 -7.18 -12.68
CA PHE B 243 16.52 -7.91 -13.45
C PHE B 243 16.42 -9.40 -13.18
N GLN B 244 16.48 -10.18 -14.26
CA GLN B 244 16.36 -11.65 -14.16
C GLN B 244 17.71 -12.25 -13.79
N ALA B 245 18.13 -11.99 -12.56
CA ALA B 245 19.37 -12.57 -12.05
C ALA B 245 19.27 -14.08 -11.91
N LEU B 246 18.05 -14.63 -11.85
CA LEU B 246 17.88 -16.08 -11.80
C LEU B 246 18.34 -16.73 -13.10
N LYS B 247 18.30 -16.00 -14.21
CA LYS B 247 18.82 -16.54 -15.47
C LYS B 247 20.31 -16.79 -15.38
N GLY B 248 21.06 -15.86 -14.79
CA GLY B 248 22.47 -16.10 -14.55
C GLY B 248 22.71 -17.18 -13.52
N ILE B 249 21.82 -17.30 -12.54
CA ILE B 249 21.90 -18.40 -11.58
C ILE B 249 21.59 -19.73 -12.26
N ILE B 250 20.60 -19.73 -13.17
CA ILE B 250 20.29 -20.94 -13.91
C ILE B 250 21.42 -21.31 -14.84
N ASN B 251 22.14 -20.31 -15.37
CA ASN B 251 23.31 -20.61 -16.20
C ASN B 251 24.42 -21.24 -15.39
N SER B 252 24.58 -20.82 -14.14
CA SER B 252 25.58 -21.45 -13.27
C SER B 252 25.17 -22.86 -12.86
N ILE B 253 23.87 -23.11 -12.76
CA ILE B 253 23.36 -24.43 -12.40
C ILE B 253 23.50 -25.38 -13.57
N HIS C 8 -15.64 -4.78 33.56
CA HIS C 8 -16.15 -5.11 32.24
C HIS C 8 -16.02 -3.93 31.27
N LEU C 9 -15.76 -2.74 31.84
CA LEU C 9 -15.59 -1.55 31.01
C LEU C 9 -14.31 -1.61 30.20
N ARG C 10 -13.26 -2.22 30.74
CA ARG C 10 -11.95 -2.40 30.09
C ARG C 10 -11.28 -1.09 29.72
N LEU C 11 -11.77 0.04 30.24
CA LEU C 11 -11.18 1.37 29.99
C LEU C 11 -11.10 1.67 28.50
N GLN C 12 -12.24 1.52 27.81
CA GLN C 12 -12.34 1.79 26.38
C GLN C 12 -13.65 2.49 26.10
N PRO C 13 -13.71 3.80 26.33
CA PRO C 13 -14.96 4.53 26.07
C PRO C 13 -15.38 4.51 24.62
N ILE C 14 -14.44 4.33 23.70
CA ILE C 14 -14.80 4.26 22.28
C ILE C 14 -15.60 3.00 21.99
N TYR C 15 -15.27 1.91 22.68
CA TYR C 15 -15.94 0.62 22.49
C TYR C 15 -17.03 0.36 23.51
N TRP C 16 -17.35 1.34 24.35
CA TRP C 16 -18.41 1.16 25.34
C TRP C 16 -19.77 1.15 24.66
N SER C 17 -20.54 0.10 24.90
CA SER C 17 -21.89 -0.01 24.34
C SER C 17 -22.86 0.88 25.12
N ARG C 18 -24.11 0.90 24.67
CA ARG C 18 -25.13 1.69 25.36
C ARG C 18 -25.40 1.15 26.76
N ASP C 19 -25.35 -0.17 26.92
CA ASP C 19 -25.48 -0.77 28.25
C ASP C 19 -24.25 -0.48 29.10
N ASP C 20 -23.07 -0.38 28.47
CA ASP C 20 -21.86 -0.04 29.22
C ASP C 20 -21.94 1.39 29.78
N VAL C 21 -22.61 2.29 29.07
CA VAL C 21 -22.79 3.64 29.59
C VAL C 21 -23.71 3.62 30.80
N ALA C 22 -24.76 2.80 30.76
CA ALA C 22 -25.66 2.69 31.91
C ALA C 22 -24.95 2.07 33.10
N GLN C 23 -24.08 1.09 32.86
CA GLN C 23 -23.32 0.49 33.95
C GLN C 23 -22.27 1.47 34.50
N TRP C 24 -21.75 2.36 33.65
CA TRP C 24 -20.80 3.35 34.12
C TRP C 24 -21.46 4.41 34.98
N LEU C 25 -22.75 4.69 34.74
CA LEU C 25 -23.47 5.64 35.56
C LEU C 25 -23.82 5.05 36.93
N LYS C 26 -24.25 3.79 36.95
CA LYS C 26 -24.60 3.15 38.22
C LYS C 26 -23.37 2.90 39.08
N TRP C 27 -22.22 2.67 38.46
CA TRP C 27 -20.99 2.47 39.22
C TRP C 27 -20.52 3.78 39.86
N ALA C 28 -20.55 4.87 39.10
CA ALA C 28 -20.09 6.15 39.63
C ALA C 28 -21.02 6.66 40.73
N GLU C 29 -22.29 6.25 40.71
CA GLU C 29 -23.22 6.69 41.75
C GLU C 29 -22.88 6.04 43.10
N ASN C 30 -22.50 4.77 43.09
CA ASN C 30 -22.14 4.06 44.31
C ASN C 30 -20.69 4.27 44.71
N GLU C 31 -19.79 4.39 43.74
CA GLU C 31 -18.37 4.58 44.05
C GLU C 31 -18.11 5.97 44.61
N PHE C 32 -18.79 6.99 44.06
CA PHE C 32 -18.59 8.37 44.48
C PHE C 32 -19.73 8.91 45.32
N SER C 33 -20.65 8.06 45.76
CA SER C 33 -21.77 8.46 46.62
C SER C 33 -22.56 9.60 46.00
N LEU C 34 -22.84 9.48 44.71
CA LEU C 34 -23.55 10.52 43.99
C LEU C 34 -25.06 10.39 44.20
N ARG C 35 -25.79 11.44 43.83
CA ARG C 35 -27.24 11.42 43.88
C ARG C 35 -27.76 10.38 42.88
N PRO C 36 -29.01 9.90 43.08
CA PRO C 36 -29.57 8.93 42.14
C PRO C 36 -29.55 9.40 40.70
N ILE C 37 -28.74 8.74 39.88
CA ILE C 37 -28.56 9.10 38.47
C ILE C 37 -29.38 8.15 37.62
N ASP C 38 -30.18 8.71 36.71
CA ASP C 38 -30.95 7.89 35.78
C ASP C 38 -30.02 7.27 34.75
N SER C 39 -30.33 6.02 34.37
CA SER C 39 -29.54 5.36 33.33
C SER C 39 -29.81 5.98 31.96
N ASN C 40 -30.99 6.56 31.76
CA ASN C 40 -31.32 7.24 30.52
C ASN C 40 -30.81 8.67 30.46
N THR C 41 -30.06 9.11 31.47
CA THR C 41 -29.46 10.45 31.43
C THR C 41 -28.52 10.58 30.24
N PHE C 42 -27.73 9.54 29.97
CA PHE C 42 -26.86 9.52 28.79
C PHE C 42 -27.17 8.29 27.95
N GLU C 43 -28.44 8.14 27.54
CA GLU C 43 -28.87 6.98 26.76
C GLU C 43 -28.28 7.07 25.36
N MET C 44 -27.00 6.69 25.27
CA MET C 44 -26.27 6.73 24.01
C MET C 44 -25.04 5.83 24.13
N ASN C 45 -24.23 5.81 23.09
CA ASN C 45 -23.02 5.00 23.07
C ASN C 45 -21.85 5.79 23.67
N GLY C 46 -20.77 5.06 23.95
CA GLY C 46 -19.57 5.72 24.44
C GLY C 46 -18.96 6.69 23.46
N LYS C 47 -19.11 6.41 22.16
CA LYS C 47 -18.65 7.35 21.14
C LYS C 47 -19.41 8.66 21.22
N ALA C 48 -20.74 8.57 21.33
CA ALA C 48 -21.55 9.78 21.49
C ALA C 48 -21.29 10.45 22.83
N LEU C 49 -20.89 9.67 23.84
CA LEU C 49 -20.59 10.25 25.15
C LEU C 49 -19.34 11.12 25.10
N LEU C 50 -18.40 10.80 24.20
CA LEU C 50 -17.19 11.60 24.04
C LEU C 50 -17.44 12.92 23.33
N LEU C 51 -18.48 12.99 22.49
CA LEU C 51 -18.77 14.22 21.76
C LEU C 51 -19.52 15.25 22.58
N LEU C 52 -20.16 14.84 23.68
CA LEU C 52 -20.89 15.77 24.52
C LEU C 52 -19.93 16.68 25.26
N THR C 53 -20.28 17.97 25.31
CA THR C 53 -19.50 18.94 26.07
C THR C 53 -19.86 18.86 27.56
N LYS C 54 -19.06 19.55 28.37
CA LYS C 54 -19.30 19.54 29.81
C LYS C 54 -20.63 20.20 30.16
N GLU C 55 -21.09 21.15 29.33
CA GLU C 55 -22.40 21.74 29.55
C GLU C 55 -23.52 20.73 29.30
N ASP C 56 -23.29 19.76 28.42
CA ASP C 56 -24.29 18.72 28.20
C ASP C 56 -24.39 17.79 29.39
N PHE C 57 -23.25 17.47 30.02
CA PHE C 57 -23.28 16.67 31.24
C PHE C 57 -24.00 17.40 32.36
N ARG C 58 -23.79 18.72 32.47
CA ARG C 58 -24.45 19.50 33.51
C ARG C 58 -25.94 19.68 33.21
N TYR C 59 -26.31 19.78 31.93
CA TYR C 59 -27.72 19.91 31.59
C TYR C 59 -28.46 18.60 31.83
N ARG C 60 -27.84 17.47 31.46
CA ARG C 60 -28.49 16.18 31.65
C ARG C 60 -28.49 15.75 33.11
N SER C 61 -27.38 15.98 33.82
CA SER C 61 -27.25 15.62 35.23
C SER C 61 -26.73 16.82 35.99
N PRO C 62 -27.60 17.72 36.45
CA PRO C 62 -27.14 18.89 37.20
C PRO C 62 -26.53 18.54 38.55
N HIS C 63 -26.75 17.33 39.07
CA HIS C 63 -26.23 16.96 40.38
C HIS C 63 -24.82 16.38 40.31
N SER C 64 -24.47 15.66 39.25
CA SER C 64 -23.17 15.03 39.16
C SER C 64 -22.58 15.05 37.76
N GLY C 65 -23.21 15.75 36.80
CA GLY C 65 -22.70 15.74 35.44
C GLY C 65 -21.33 16.37 35.32
N ASP C 66 -21.07 17.43 36.10
CA ASP C 66 -19.76 18.06 36.07
C ASP C 66 -18.66 17.10 36.51
N GLU C 67 -18.98 16.17 37.42
CA GLU C 67 -17.99 15.18 37.83
C GLU C 67 -17.91 14.03 36.83
N LEU C 68 -19.05 13.60 36.28
CA LEU C 68 -19.04 12.52 35.31
C LEU C 68 -18.23 12.89 34.07
N TYR C 69 -18.25 14.16 33.68
CA TYR C 69 -17.39 14.62 32.59
C TYR C 69 -15.92 14.53 32.99
N GLU C 70 -15.57 15.06 34.16
CA GLU C 70 -14.19 14.98 34.63
C GLU C 70 -13.79 13.54 34.91
N LEU C 71 -14.73 12.70 35.36
CA LEU C 71 -14.43 11.28 35.53
C LEU C 71 -14.11 10.63 34.20
N LEU C 72 -14.80 11.03 33.14
CA LEU C 72 -14.52 10.48 31.82
C LEU C 72 -13.18 10.95 31.29
N GLN C 73 -12.75 12.16 31.64
CA GLN C 73 -11.46 12.66 31.18
C GLN C 73 -10.32 11.87 31.80
N HIS C 74 -10.46 11.50 33.09
CA HIS C 74 -9.44 10.65 33.71
C HIS C 74 -9.42 9.26 33.09
N ILE C 75 -10.57 8.78 32.60
CA ILE C 75 -10.60 7.49 31.92
C ILE C 75 -9.95 7.60 30.55
N LEU C 76 -10.16 8.73 29.85
CA LEU C 76 -9.50 8.94 28.58
C LEU C 76 -8.01 9.24 28.75
N ALA C 77 -7.60 9.71 29.92
CA ALA C 77 -6.19 10.05 30.13
C ALA C 77 -5.32 8.80 30.25
N GLN C 78 -5.82 7.77 30.94
CA GLN C 78 -5.06 6.54 31.10
C GLN C 78 -4.90 5.78 29.79
N ALA C 79 -5.76 6.01 28.81
CA ALA C 79 -5.66 5.34 27.52
C ALA C 79 -4.64 6.04 26.64
MG MG D . 5.45 6.60 -23.18
UNK UNX E . 2.19 -16.44 39.18
UNK UNX F . 4.32 -13.55 29.75
UNK UNX G . 19.39 -14.92 41.61
UNK UNX H . 19.67 -15.31 36.19
UNK UNX I . 22.22 -13.79 34.14
UNK UNX J . 25.24 -11.62 34.56
UNK UNX K . 24.30 -8.63 36.29
UNK UNX L . 21.61 -9.49 37.90
UNK UNX M . 19.90 -6.52 39.44
UNK UNX N . 22.36 -6.19 41.90
UNK UNX O . 28.46 -0.91 25.24
UNK UNX P . 28.26 -3.62 27.70
UNK UNX Q . 26.53 -5.91 29.87
UNK UNX R . 27.74 -4.96 33.73
UNK UNX S . 25.25 -2.68 32.53
UNK UNX T . 5.68 -7.73 22.10
UNK UNX U . 3.66 -7.31 19.23
UNK UNX V . 4.14 -3.78 18.78
UNK UNX W . 5.30 -0.07 19.80
UNK UNX X . 5.58 -5.16 15.56
UNK UNX Y . 10.13 -20.48 39.57
UNK UNX Z . 7.48 -21.97 40.64
UNK UNX AA . 4.45 -20.33 41.52
UNK UNX BA . 12.01 -17.51 24.49
UNK UNX CA . 35.50 9.19 3.84
UNK UNX DA . 20.30 2.57 41.77
UNK UNX EA . 15.94 -17.29 45.60
UNK UNX FA . 17.49 -6.68 29.84
UNK UNX GA . 14.82 -9.12 29.67
UNK UNX HA . 11.86 -11.25 37.86
UNK UNX IA . 14.22 -10.77 40.62
UNK UNX JA . 13.36 -10.00 44.12
UNK UNX KA . 11.06 -14.52 46.23
UNK UNX LA . 7.55 -11.50 47.52
UNK UNX MA . 5.22 -17.10 47.16
UNK UNX NA . 4.46 -16.91 50.32
UNK UNX OA . 8.20 -15.37 48.03
UNK UNX PA . 0.54 12.73 31.57
UNK UNX QA . 3.00 12.42 34.18
UNK UNX RA . 2.17 12.92 37.68
UNK UNX SA . -0.56 10.31 37.92
UNK UNX TA . -1.59 8.41 40.28
UNK UNX UA . -3.36 5.94 38.36
UNK UNX VA . -2.30 3.26 40.65
UNK UNX WA . -5.03 1.38 40.91
UNK UNX XA . -5.39 -1.04 43.35
UNK UNX YA . -8.91 -1.92 43.29
UNK UNX ZA . -8.44 -4.08 45.71
UNK UNX AB . -2.24 -5.25 46.20
UNK UNX BB . 9.94 1.04 37.41
UNK UNX CB . 7.99 3.34 35.64
UNK UNX DB . 9.51 6.30 37.06
UNK UNX EB . 9.53 7.60 40.46
UNK UNX FB . 8.58 4.22 41.06
UNK UNX GB . 9.18 5.07 44.51
UNK UNX HB . 9.66 8.00 46.69
UNK UNX IB . 6.42 8.53 44.98
UNK UNX JB . 5.06 10.04 48.20
UNK UNX KB . 2.22 -14.96 42.49
UNK UNX LB . 0.22 -15.81 36.21
UNK UNX MB . -1.11 -7.23 34.48
UNK UNX NB . -0.05 -5.20 37.21
UNK UNX OB . 10.59 2.86 49.86
UNK UNX PB . 10.74 -0.42 51.28
UNK UNX QB . 9.39 -1.03 54.65
UNK UNX RB . 8.93 -4.73 54.61
UNK UNX SB . 7.79 1.10 57.08
UNK UNX TB . 7.38 4.89 57.19
UNK UNX UB . -4.99 12.80 26.62
UNK UNX VB . 5.55 -22.69 49.79
UNK UNX WB . 14.22 -13.39 49.17
UNK UNX XB . 11.71 -10.69 49.96
UNK UNX YB . -37.53 5.05 34.54
UNK UNX ZB . -26.40 6.15 47.07
UNK UNX AC . -1.27 -3.31 30.64
UNK UNX BC . -3.81 -0.71 29.68
UNK UNX CC . -2.48 1.96 27.29
UNK UNX DC . -1.66 3.37 24.16
UNK UNX EC . 0.80 3.42 21.98
UNK UNX FC . 3.45 5.54 22.63
UNK UNX GC . 3.93 3.68 25.34
UNK UNX HC . 3.78 5.04 28.65
UNK UNX IC . 5.46 7.51 30.20
UNK UNX JC . -0.10 -0.79 49.00
UNK UNX KC . 2.37 -0.52 46.59
UNK UNX LC . 1.87 -3.68 45.55
UNK UNX MC . 4.93 -3.99 43.36
UNK UNX NC . -0.02 7.71 46.89
UNK UNX OC . 1.09 9.58 49.53
UNK UNX PC . 2.91 7.95 52.09
#